data_6R7V
#
_entry.id   6R7V
#
_cell.length_a   47.330
_cell.length_b   67.250
_cell.length_c   79.640
_cell.angle_alpha   90.00
_cell.angle_beta   90.00
_cell.angle_gamma   90.00
#
_symmetry.space_group_name_H-M   'P 21 21 21'
#
loop_
_entity.id
_entity.type
_entity.pdbx_description
1 polymer Mirolysin
2 non-polymer 'CALCIUM ION'
3 non-polymer 'ZINC ION'
4 non-polymer GLYCEROL
5 water water
#
_entity_poly.entity_id   1
_entity_poly.type   'polypeptide(L)'
_entity_poly.pdbx_seq_one_letter_code
;GPQRTCGSELNMEQIRRTEPLKYQRITDWENQIKLHSRSVPSSTILIPVVVHVVYNNSAQNISDAQIISQIQVLNEDFRR
MNADQANTPSAFANLAGNANIEFKLARRDPNGNTTNGITRTSTSTETFSMEMDNVKFSNLGGNNAWNTRRYLNIWVCNLG
DDLLGYAQFPFEFQTKPNTDGVVIHYKHFGRDGSAESPYDKGRTATHAVGHWLDLRHIWGDDGGSCSGTDNIADTPNQGG
YNEGCPSFPKTDHCTNTSPGVMFMNYMDYTYDACMNLFTKGQVERMRSLFDTQTGIRREMQIYANELTNPLSFS
;
_entity_poly.pdbx_strand_id   A
#
loop_
_chem_comp.id
_chem_comp.type
_chem_comp.name
_chem_comp.formula
CA non-polymer 'CALCIUM ION' 'Ca 2'
GOL non-polymer GLYCEROL 'C3 H8 O3'
ZN non-polymer 'ZINC ION' 'Zn 2'
#
# COMPACT_ATOMS: atom_id res chain seq x y z
N ARG A 4 -10.35 -8.45 6.69
CA ARG A 4 -9.04 -8.29 6.04
C ARG A 4 -7.91 -8.48 7.07
N THR A 5 -6.80 -9.12 6.65
CA THR A 5 -5.61 -9.32 7.49
C THR A 5 -4.48 -8.51 6.88
N CYS A 6 -3.66 -7.89 7.71
CA CYS A 6 -2.58 -7.03 7.27
C CYS A 6 -1.46 -7.06 8.25
N GLY A 7 -0.23 -7.12 7.77
CA GLY A 7 0.92 -7.14 8.68
C GLY A 7 1.48 -5.76 8.97
N SER A 8 0.75 -4.66 8.64
CA SER A 8 1.27 -3.31 8.85
C SER A 8 0.45 -2.49 9.83
N GLU A 9 0.14 -3.07 10.98
CA GLU A 9 -0.52 -2.33 12.04
C GLU A 9 0.52 -1.54 12.82
N LEU A 10 0.16 -0.36 13.33
CA LEU A 10 1.01 0.46 14.17
C LEU A 10 0.29 0.82 15.44
N ASN A 11 0.23 -0.13 16.39
CA ASN A 11 -0.40 0.07 17.68
C ASN A 11 0.59 0.82 18.55
N MET A 12 0.43 2.14 18.60
CA MET A 12 1.41 3.00 19.24
C MET A 12 1.57 2.73 20.73
N GLU A 13 0.47 2.39 21.46
CA GLU A 13 0.54 2.00 22.89
C GLU A 13 1.43 0.77 23.04
N GLN A 14 1.23 -0.24 22.18
CA GLN A 14 2.02 -1.48 22.23
C GLN A 14 3.45 -1.23 21.83
N ILE A 15 3.69 -0.45 20.76
CA ILE A 15 5.04 -0.19 20.27
C ILE A 15 5.84 0.59 21.33
N ARG A 16 5.21 1.54 22.04
CA ARG A 16 5.85 2.32 23.09
C ARG A 16 6.53 1.39 24.11
N ARG A 17 5.91 0.21 24.41
CA ARG A 17 6.47 -0.74 25.38
C ARG A 17 7.32 -1.84 24.71
N THR A 18 6.80 -2.47 23.63
CA THR A 18 7.49 -3.60 23.02
C THR A 18 8.68 -3.21 22.14
N GLU A 19 8.65 -2.03 21.51
CA GLU A 19 9.71 -1.59 20.57
C GLU A 19 10.03 -0.12 20.79
N PRO A 20 10.70 0.25 21.92
CA PRO A 20 10.94 1.67 22.21
C PRO A 20 11.74 2.44 21.16
N LEU A 21 12.72 1.82 20.47
CA LEU A 21 13.47 2.51 19.41
C LEU A 21 12.52 2.84 18.23
N LYS A 22 11.64 1.90 17.88
CA LYS A 22 10.67 2.12 16.80
C LYS A 22 9.68 3.23 17.18
N TYR A 23 9.25 3.27 18.44
CA TYR A 23 8.34 4.30 18.94
C TYR A 23 8.98 5.69 18.77
N GLN A 24 10.26 5.82 19.16
CA GLN A 24 11.00 7.07 19.02
C GLN A 24 11.06 7.47 17.53
N ARG A 25 11.40 6.52 16.64
CA ARG A 25 11.52 6.76 15.20
C ARG A 25 10.21 7.23 14.59
N ILE A 26 9.10 6.62 15.00
CA ILE A 26 7.80 7.01 14.45
C ILE A 26 7.42 8.39 14.96
N THR A 27 7.63 8.65 16.27
CA THR A 27 7.33 9.97 16.84
C THR A 27 8.16 11.05 16.16
N ASP A 28 9.47 10.80 15.90
CA ASP A 28 10.35 11.78 15.24
C ASP A 28 9.84 12.06 13.84
N TRP A 29 9.47 10.99 13.12
CA TRP A 29 8.95 11.12 11.75
C TRP A 29 7.71 12.03 11.71
N GLU A 30 6.77 11.83 12.65
CA GLU A 30 5.54 12.64 12.69
C GLU A 30 5.79 14.08 13.11
N ASN A 31 6.78 14.32 13.99
CA ASN A 31 7.13 15.67 14.46
C ASN A 31 7.77 16.47 13.34
N GLN A 32 8.46 15.78 12.41
CA GLN A 32 9.21 16.36 11.28
C GLN A 32 8.46 16.35 9.95
N ILE A 33 7.31 15.64 9.84
CA ILE A 33 6.56 15.50 8.58
C ILE A 33 6.06 16.86 8.04
N LYS A 34 5.67 17.80 8.91
CA LYS A 34 5.19 19.12 8.47
C LYS A 34 6.35 19.98 7.96
N LEU A 35 7.53 19.87 8.60
CA LEU A 35 8.73 20.63 8.24
C LEU A 35 9.46 20.05 7.01
N HIS A 36 9.12 18.80 6.61
CA HIS A 36 9.74 18.12 5.47
C HIS A 36 8.73 17.95 4.30
N SER A 37 7.78 18.88 4.15
CA SER A 37 6.76 18.79 3.09
C SER A 37 6.35 20.16 2.52
N ARG A 38 7.35 21.01 2.16
CA ARG A 38 7.06 22.31 1.56
C ARG A 38 7.17 22.27 0.03
N SER A 39 8.17 21.54 -0.48
CA SER A 39 8.43 21.43 -1.92
C SER A 39 7.72 20.20 -2.54
N VAL A 40 6.50 19.88 -2.08
CA VAL A 40 5.68 18.76 -2.59
C VAL A 40 5.35 19.05 -4.09
N PRO A 41 5.53 18.07 -5.00
CA PRO A 41 5.28 18.33 -6.41
C PRO A 41 3.85 18.74 -6.75
N SER A 42 3.73 19.58 -7.77
CA SER A 42 2.42 19.99 -8.27
C SER A 42 2.03 19.11 -9.46
N SER A 43 2.94 18.21 -9.90
CA SER A 43 2.65 17.41 -11.07
C SER A 43 2.49 15.93 -10.76
N THR A 44 2.15 15.15 -11.79
CA THR A 44 1.92 13.73 -11.65
C THR A 44 3.18 13.03 -11.17
N ILE A 45 3.02 12.16 -10.15
CA ILE A 45 4.11 11.38 -9.59
C ILE A 45 4.04 10.03 -10.29
N LEU A 46 5.16 9.58 -10.87
CA LEU A 46 5.19 8.30 -11.58
C LEU A 46 6.03 7.31 -10.78
N ILE A 47 5.48 6.12 -10.58
CA ILE A 47 6.13 5.06 -9.84
C ILE A 47 6.46 3.89 -10.74
N PRO A 48 7.75 3.62 -11.05
CA PRO A 48 8.12 2.38 -11.78
C PRO A 48 7.94 1.19 -10.87
N VAL A 49 7.32 0.13 -11.37
CA VAL A 49 7.00 -1.03 -10.56
C VAL A 49 7.67 -2.27 -11.11
N VAL A 50 8.15 -3.12 -10.22
CA VAL A 50 8.57 -4.47 -10.57
C VAL A 50 7.77 -5.42 -9.69
N VAL A 51 7.14 -6.40 -10.34
CA VAL A 51 6.39 -7.44 -9.63
C VAL A 51 7.20 -8.72 -9.62
N HIS A 52 7.49 -9.21 -8.41
CA HIS A 52 8.25 -10.45 -8.23
C HIS A 52 7.32 -11.57 -7.89
N VAL A 53 7.04 -12.47 -8.85
CA VAL A 53 6.19 -13.64 -8.56
C VAL A 53 7.12 -14.73 -8.04
N VAL A 54 6.87 -15.18 -6.79
CA VAL A 54 7.69 -16.22 -6.17
C VAL A 54 6.75 -17.38 -5.96
N TYR A 55 7.01 -18.51 -6.64
CA TYR A 55 6.02 -19.57 -6.68
C TYR A 55 6.60 -20.92 -6.38
N ASN A 56 5.81 -21.72 -5.67
CA ASN A 56 6.14 -23.09 -5.29
C ASN A 56 5.32 -24.08 -6.12
N ASN A 57 4.29 -23.61 -6.81
CA ASN A 57 3.41 -24.45 -7.62
C ASN A 57 2.72 -23.58 -8.71
N SER A 58 1.95 -24.21 -9.59
CA SER A 58 1.30 -23.55 -10.73
C SER A 58 0.28 -22.53 -10.29
N ALA A 59 -0.51 -22.82 -9.21
CA ALA A 59 -1.51 -21.84 -8.73
C ALA A 59 -0.85 -20.51 -8.35
N GLN A 60 0.37 -20.60 -7.77
CA GLN A 60 1.07 -19.41 -7.31
C GLN A 60 1.75 -18.65 -8.46
N ASN A 61 1.91 -19.30 -9.59
CA ASN A 61 2.55 -18.69 -10.76
C ASN A 61 1.48 -17.97 -11.57
N ILE A 62 1.01 -16.84 -11.05
CA ILE A 62 -0.12 -16.10 -11.63
C ILE A 62 0.22 -15.46 -12.98
N SER A 63 -0.81 -15.27 -13.81
CA SER A 63 -0.67 -14.81 -15.18
C SER A 63 -0.21 -13.36 -15.31
N ASP A 64 0.40 -13.04 -16.45
CA ASP A 64 0.81 -11.68 -16.76
C ASP A 64 -0.44 -10.78 -16.76
N ALA A 65 -1.58 -11.28 -17.35
CA ALA A 65 -2.85 -10.53 -17.40
C ALA A 65 -3.34 -10.23 -15.99
N GLN A 66 -3.14 -11.16 -15.04
CA GLN A 66 -3.53 -10.96 -13.65
C GLN A 66 -2.73 -9.78 -13.04
N ILE A 67 -1.43 -9.74 -13.33
CA ILE A 67 -0.54 -8.71 -12.83
C ILE A 67 -0.87 -7.33 -13.46
N ILE A 68 -1.10 -7.33 -14.79
CA ILE A 68 -1.46 -6.08 -15.47
C ILE A 68 -2.79 -5.54 -14.90
N SER A 69 -3.73 -6.43 -14.58
CA SER A 69 -4.99 -5.97 -13.99
C SER A 69 -4.73 -5.31 -12.65
N GLN A 70 -3.72 -5.76 -11.87
CA GLN A 70 -3.44 -5.09 -10.61
C GLN A 70 -2.89 -3.68 -10.83
N ILE A 71 -2.03 -3.51 -11.84
CA ILE A 71 -1.48 -2.20 -12.14
C ILE A 71 -2.62 -1.27 -12.58
N GLN A 72 -3.58 -1.82 -13.34
CA GLN A 72 -4.78 -1.06 -13.75
C GLN A 72 -5.55 -0.55 -12.51
N VAL A 73 -5.76 -1.44 -11.53
CA VAL A 73 -6.49 -1.05 -10.32
C VAL A 73 -5.73 0.04 -9.56
N LEU A 74 -4.39 -0.06 -9.43
CA LEU A 74 -3.66 1.00 -8.73
C LEU A 74 -3.83 2.33 -9.44
N ASN A 75 -3.78 2.32 -10.77
CA ASN A 75 -3.95 3.55 -11.53
C ASN A 75 -5.36 4.10 -11.42
N GLU A 76 -6.36 3.25 -11.24
CA GLU A 76 -7.70 3.74 -11.01
C GLU A 76 -7.84 4.35 -9.63
N ASP A 77 -7.42 3.58 -8.59
CA ASP A 77 -7.65 4.05 -7.22
C ASP A 77 -6.86 5.27 -6.85
N PHE A 78 -5.62 5.39 -7.36
CA PHE A 78 -4.77 6.55 -7.05
C PHE A 78 -5.01 7.75 -7.98
N ARG A 79 -6.02 7.67 -8.85
CA ARG A 79 -6.34 8.82 -9.71
C ARG A 79 -7.85 9.09 -9.67
N ARG A 80 -8.55 8.52 -8.67
CA ARG A 80 -10.01 8.59 -8.56
C ARG A 80 -10.69 8.29 -9.94
N MET A 81 -10.22 7.22 -10.59
CA MET A 81 -10.78 6.74 -11.84
C MET A 81 -11.41 5.37 -11.64
N ASN A 82 -11.57 4.93 -10.38
CA ASN A 82 -12.29 3.69 -10.08
C ASN A 82 -13.78 3.91 -10.38
N ALA A 83 -14.41 3.03 -11.16
CA ALA A 83 -15.84 3.24 -11.46
C ALA A 83 -16.69 3.25 -10.18
N ASP A 84 -16.29 2.49 -9.15
CA ASP A 84 -17.08 2.49 -7.91
C ASP A 84 -16.91 3.77 -7.08
N GLN A 85 -16.23 4.83 -7.61
CA GLN A 85 -16.20 6.17 -6.97
C GLN A 85 -17.63 6.67 -6.83
N ALA A 86 -18.51 6.27 -7.78
CA ALA A 86 -19.91 6.67 -7.79
C ALA A 86 -20.63 6.15 -6.54
N ASN A 87 -20.11 5.03 -5.92
CA ASN A 87 -20.64 4.42 -4.70
C ASN A 87 -20.25 5.18 -3.42
N THR A 88 -19.27 6.10 -3.48
CA THR A 88 -18.88 6.84 -2.27
C THR A 88 -20.10 7.61 -1.76
N PRO A 89 -20.55 7.46 -0.49
CA PRO A 89 -21.72 8.26 -0.03
C PRO A 89 -21.50 9.74 -0.30
N SER A 90 -22.53 10.44 -0.77
CA SER A 90 -22.43 11.87 -1.12
C SER A 90 -21.85 12.68 0.01
N ALA A 91 -22.13 12.31 1.30
CA ALA A 91 -21.57 13.04 2.44
C ALA A 91 -20.05 12.96 2.53
N PHE A 92 -19.43 11.92 1.92
CA PHE A 92 -17.98 11.76 1.93
C PHE A 92 -17.34 12.02 0.56
N ALA A 93 -18.14 12.01 -0.53
CA ALA A 93 -17.57 12.18 -1.89
C ALA A 93 -16.82 13.50 -2.02
N ASN A 94 -17.27 14.55 -1.31
CA ASN A 94 -16.64 15.87 -1.33
C ASN A 94 -15.27 15.87 -0.60
N LEU A 95 -14.98 14.82 0.21
CA LEU A 95 -13.69 14.67 0.89
C LEU A 95 -12.76 13.77 0.12
N ALA A 96 -13.24 13.18 -0.98
CA ALA A 96 -12.44 12.19 -1.71
C ALA A 96 -11.28 12.84 -2.46
N GLY A 97 -10.15 12.15 -2.45
CA GLY A 97 -8.94 12.64 -3.06
C GLY A 97 -8.54 11.91 -4.32
N ASN A 98 -7.85 12.65 -5.17
CA ASN A 98 -7.26 12.20 -6.43
C ASN A 98 -5.76 12.30 -6.18
N ALA A 99 -5.07 11.18 -5.96
CA ALA A 99 -3.66 11.26 -5.57
C ALA A 99 -2.78 11.73 -6.68
N ASN A 100 -3.21 11.61 -7.94
CA ASN A 100 -2.39 12.03 -9.08
C ASN A 100 -1.02 11.33 -9.02
N ILE A 101 -1.08 10.03 -8.73
CA ILE A 101 0.06 9.13 -8.73
C ILE A 101 -0.25 8.04 -9.75
N GLU A 102 0.69 7.79 -10.66
CA GLU A 102 0.64 6.76 -11.70
C GLU A 102 1.61 5.65 -11.42
N PHE A 103 1.30 4.44 -11.90
CA PHE A 103 2.13 3.26 -11.74
C PHE A 103 2.37 2.66 -13.09
N LYS A 104 3.63 2.30 -13.38
CA LYS A 104 3.92 1.64 -14.65
C LYS A 104 4.90 0.55 -14.41
N LEU A 105 4.70 -0.60 -15.08
CA LEU A 105 5.70 -1.65 -14.95
C LEU A 105 7.00 -1.19 -15.60
N ALA A 106 8.12 -1.48 -14.92
CA ALA A 106 9.44 -1.13 -15.42
C ALA A 106 9.71 -1.78 -16.77
N ARG A 107 10.48 -1.07 -17.61
CA ARG A 107 10.88 -1.58 -18.92
C ARG A 107 12.40 -1.71 -19.00
N ARG A 108 13.09 -1.22 -17.96
CA ARG A 108 14.55 -1.33 -17.87
C ARG A 108 14.90 -1.85 -16.49
N ASP A 109 15.71 -2.93 -16.43
CA ASP A 109 16.04 -3.54 -15.13
C ASP A 109 17.24 -2.78 -14.53
N PRO A 110 17.71 -3.12 -13.32
CA PRO A 110 18.81 -2.35 -12.72
C PRO A 110 20.14 -2.44 -13.47
N ASN A 111 20.27 -3.41 -14.40
CA ASN A 111 21.51 -3.52 -15.18
C ASN A 111 21.35 -2.86 -16.56
N GLY A 112 20.23 -2.19 -16.81
CA GLY A 112 19.99 -1.54 -18.10
C GLY A 112 19.45 -2.46 -19.18
N ASN A 113 19.04 -3.68 -18.79
CA ASN A 113 18.50 -4.60 -19.77
C ASN A 113 17.00 -4.44 -19.88
N THR A 114 16.45 -4.78 -21.04
CA THR A 114 15.00 -4.73 -21.27
CA THR A 114 15.01 -4.73 -21.28
C THR A 114 14.32 -5.74 -20.34
N THR A 115 13.14 -5.37 -19.86
CA THR A 115 12.32 -6.20 -19.00
C THR A 115 10.86 -5.83 -19.28
N ASN A 116 9.95 -6.68 -18.85
CA ASN A 116 8.51 -6.38 -18.88
C ASN A 116 8.07 -5.95 -17.47
N GLY A 117 9.00 -5.95 -16.49
CA GLY A 117 8.75 -5.54 -15.12
C GLY A 117 8.14 -6.64 -14.25
N ILE A 118 8.19 -7.90 -14.73
CA ILE A 118 7.70 -9.05 -14.00
C ILE A 118 8.86 -10.04 -13.89
N THR A 119 9.18 -10.47 -12.66
CA THR A 119 10.19 -11.52 -12.48
C THR A 119 9.47 -12.76 -12.00
N ARG A 120 10.06 -13.92 -12.28
CA ARG A 120 9.51 -15.22 -11.91
C ARG A 120 10.59 -16.01 -11.22
N THR A 121 10.32 -16.46 -9.99
CA THR A 121 11.29 -17.22 -9.20
C THR A 121 10.61 -18.43 -8.64
N SER A 122 11.07 -19.62 -9.05
CA SER A 122 10.55 -20.85 -8.47
C SER A 122 11.24 -21.03 -7.12
N THR A 123 10.51 -21.59 -6.15
CA THR A 123 11.02 -21.77 -4.81
C THR A 123 10.58 -23.07 -4.20
N SER A 124 11.38 -23.55 -3.24
CA SER A 124 11.09 -24.69 -2.39
C SER A 124 10.30 -24.24 -1.15
N THR A 125 10.27 -22.92 -0.82
CA THR A 125 9.54 -22.44 0.35
C THR A 125 8.04 -22.60 0.10
N GLU A 126 7.35 -23.28 1.01
CA GLU A 126 5.90 -23.48 0.87
C GLU A 126 5.10 -22.25 1.25
N THR A 127 5.49 -21.59 2.34
CA THR A 127 4.79 -20.42 2.85
C THR A 127 5.80 -19.38 3.32
N PHE A 128 5.63 -18.10 2.93
CA PHE A 128 6.55 -17.05 3.32
C PHE A 128 6.07 -16.41 4.60
N SER A 129 7.02 -15.88 5.37
CA SER A 129 6.78 -15.30 6.67
C SER A 129 7.06 -13.80 6.65
N MET A 130 6.10 -13.03 7.18
CA MET A 130 6.24 -11.59 7.30
CA MET A 130 6.30 -11.58 7.25
C MET A 130 7.46 -11.28 8.20
N GLU A 131 7.52 -11.98 9.34
CA GLU A 131 8.53 -11.88 10.40
C GLU A 131 9.96 -12.00 9.86
N MET A 132 10.20 -12.98 8.96
CA MET A 132 11.51 -13.22 8.35
C MET A 132 11.80 -12.32 7.15
N ASP A 133 10.73 -11.85 6.44
CA ASP A 133 10.88 -11.10 5.18
C ASP A 133 11.61 -11.98 4.15
N ASN A 134 11.46 -13.31 4.27
CA ASN A 134 12.21 -14.21 3.41
C ASN A 134 11.83 -14.12 1.92
N VAL A 135 10.64 -13.58 1.58
CA VAL A 135 10.29 -13.48 0.15
C VAL A 135 11.19 -12.44 -0.55
N LYS A 136 11.83 -11.56 0.24
CA LYS A 136 12.60 -10.45 -0.31
C LYS A 136 14.07 -10.78 -0.47
N PHE A 137 14.44 -12.05 -0.26
CA PHE A 137 15.83 -12.45 -0.34
C PHE A 137 16.01 -13.72 -1.15
N SER A 138 16.76 -13.61 -2.23
CA SER A 138 17.07 -14.76 -3.08
C SER A 138 17.69 -15.92 -2.27
N ASN A 139 18.55 -15.62 -1.30
CA ASN A 139 19.21 -16.64 -0.51
C ASN A 139 18.28 -17.37 0.46
N LEU A 140 17.10 -16.79 0.74
CA LEU A 140 16.12 -17.34 1.68
C LEU A 140 14.92 -17.94 0.96
N GLY A 141 15.04 -18.14 -0.34
CA GLY A 141 13.97 -18.72 -1.14
C GLY A 141 13.06 -17.74 -1.86
N GLY A 142 13.37 -16.45 -1.76
CA GLY A 142 12.57 -15.42 -2.42
C GLY A 142 13.32 -14.78 -3.57
N ASN A 143 13.20 -13.45 -3.69
CA ASN A 143 13.92 -12.76 -4.77
C ASN A 143 14.34 -11.37 -4.30
N ASN A 144 15.65 -11.06 -4.41
CA ASN A 144 16.16 -9.75 -3.98
C ASN A 144 15.43 -8.60 -4.65
N ALA A 145 15.25 -7.50 -3.91
CA ALA A 145 14.64 -6.31 -4.47
C ALA A 145 15.52 -5.70 -5.56
N TRP A 146 14.87 -5.01 -6.49
CA TRP A 146 15.51 -4.14 -7.45
C TRP A 146 15.65 -2.79 -6.79
N ASN A 147 16.83 -2.15 -6.96
CA ASN A 147 17.15 -0.83 -6.41
C ASN A 147 15.87 -0.09 -5.86
N THR A 148 15.66 -0.12 -4.52
CA THR A 148 14.43 0.43 -3.93
C THR A 148 14.35 1.96 -3.98
N ARG A 149 15.44 2.63 -4.41
CA ARG A 149 15.36 4.08 -4.55
CA ARG A 149 15.40 4.09 -4.58
C ARG A 149 14.70 4.42 -5.89
N ARG A 150 14.65 3.46 -6.82
CA ARG A 150 14.12 3.70 -8.15
C ARG A 150 12.86 2.91 -8.49
N TYR A 151 12.64 1.77 -7.87
CA TYR A 151 11.48 0.94 -8.18
C TYR A 151 10.68 0.65 -6.96
N LEU A 152 9.35 0.58 -7.14
CA LEU A 152 8.48 -0.03 -6.15
C LEU A 152 8.49 -1.52 -6.43
N ASN A 153 8.94 -2.28 -5.44
CA ASN A 153 8.97 -3.74 -5.51
C ASN A 153 7.72 -4.32 -4.87
N ILE A 154 6.97 -5.12 -5.66
CA ILE A 154 5.79 -5.80 -5.18
C ILE A 154 6.02 -7.28 -5.28
N TRP A 155 6.14 -7.98 -4.14
CA TRP A 155 6.35 -9.43 -4.16
C TRP A 155 5.00 -10.08 -4.07
N VAL A 156 4.77 -11.15 -4.87
CA VAL A 156 3.53 -11.90 -4.85
C VAL A 156 3.86 -13.33 -4.49
N CYS A 157 3.30 -13.85 -3.40
CA CYS A 157 3.69 -15.17 -2.92
C CYS A 157 2.58 -15.78 -2.06
N ASN A 158 2.83 -16.99 -1.56
CA ASN A 158 1.93 -17.61 -0.60
C ASN A 158 2.26 -17.12 0.81
N LEU A 159 1.37 -16.28 1.41
CA LEU A 159 1.52 -15.80 2.78
C LEU A 159 0.71 -16.64 3.77
N GLY A 160 0.06 -17.69 3.27
CA GLY A 160 -0.67 -18.64 4.12
C GLY A 160 -2.16 -18.44 4.16
N ASP A 161 -2.83 -19.09 5.12
CA ASP A 161 -4.29 -19.07 5.24
C ASP A 161 -4.84 -17.78 5.81
N ASP A 162 -4.01 -17.03 6.54
CA ASP A 162 -4.47 -15.84 7.23
C ASP A 162 -4.13 -14.52 6.52
N LEU A 163 -2.84 -14.18 6.42
CA LEU A 163 -2.29 -12.90 5.95
C LEU A 163 -2.55 -12.57 4.46
N LEU A 164 -3.12 -11.38 4.20
CA LEU A 164 -3.38 -10.95 2.82
C LEU A 164 -2.22 -10.16 2.23
N GLY A 165 -1.51 -9.41 3.06
CA GLY A 165 -0.42 -8.60 2.55
C GLY A 165 0.23 -7.79 3.66
N TYR A 166 1.38 -7.19 3.35
CA TYR A 166 2.04 -6.29 4.29
C TYR A 166 2.96 -5.33 3.53
N ALA A 167 3.23 -4.19 4.14
CA ALA A 167 4.09 -3.17 3.54
C ALA A 167 5.14 -2.75 4.51
N GLN A 168 6.19 -2.13 4.00
CA GLN A 168 7.18 -1.51 4.85
C GLN A 168 6.93 -0.01 4.81
N PHE A 169 6.90 0.65 5.98
CA PHE A 169 6.61 2.09 6.03
C PHE A 169 7.83 2.95 5.68
N PRO A 170 7.61 4.20 5.21
CA PRO A 170 8.75 5.07 4.86
C PRO A 170 9.71 5.37 6.00
N PHE A 171 9.24 5.38 7.27
CA PHE A 171 10.18 5.68 8.36
C PHE A 171 11.26 4.60 8.51
N GLU A 172 11.04 3.43 7.91
CA GLU A 172 11.96 2.30 7.97
C GLU A 172 12.93 2.30 6.76
N PHE A 173 12.74 3.21 5.78
CA PHE A 173 13.54 3.16 4.56
C PHE A 173 15.04 3.32 4.83
N GLN A 174 15.42 4.32 5.62
CA GLN A 174 16.84 4.58 5.87
C GLN A 174 17.52 3.35 6.45
N THR A 175 16.93 2.70 7.48
CA THR A 175 17.58 1.54 8.13
C THR A 175 17.34 0.19 7.44
N LYS A 176 16.26 0.07 6.65
CA LYS A 176 15.94 -1.21 6.00
C LYS A 176 15.70 -0.99 4.50
N PRO A 177 16.67 -0.43 3.75
CA PRO A 177 16.39 -0.09 2.36
C PRO A 177 16.11 -1.27 1.45
N ASN A 178 16.76 -2.40 1.70
CA ASN A 178 16.61 -3.55 0.82
CA ASN A 178 16.69 -3.64 0.96
C ASN A 178 15.31 -4.35 1.02
N THR A 179 14.50 -4.01 2.04
CA THR A 179 13.20 -4.70 2.23
C THR A 179 12.03 -3.73 2.03
N ASP A 180 12.31 -2.53 1.50
CA ASP A 180 11.26 -1.58 1.22
C ASP A 180 10.38 -2.08 0.06
N GLY A 181 9.06 -1.94 0.21
CA GLY A 181 8.13 -2.41 -0.79
C GLY A 181 6.94 -3.06 -0.15
N VAL A 182 6.21 -3.85 -0.98
CA VAL A 182 4.90 -4.41 -0.64
CA VAL A 182 4.97 -4.46 -0.49
C VAL A 182 4.89 -5.91 -0.94
N VAL A 183 4.23 -6.72 -0.10
CA VAL A 183 4.08 -8.17 -0.35
C VAL A 183 2.59 -8.47 -0.36
N ILE A 184 2.11 -9.18 -1.40
CA ILE A 184 0.70 -9.50 -1.51
C ILE A 184 0.50 -11.00 -1.67
N HIS A 185 -0.55 -11.54 -1.03
CA HIS A 185 -0.88 -12.96 -1.20
C HIS A 185 -1.32 -13.17 -2.63
N TYR A 186 -0.81 -14.22 -3.28
CA TYR A 186 -1.11 -14.50 -4.69
C TYR A 186 -2.61 -14.66 -4.96
N LYS A 187 -3.38 -15.13 -3.97
CA LYS A 187 -4.80 -15.35 -4.23
C LYS A 187 -5.56 -14.03 -4.28
N HIS A 188 -4.93 -12.90 -3.91
CA HIS A 188 -5.66 -11.65 -3.82
C HIS A 188 -4.92 -10.54 -4.56
N PHE A 189 -4.31 -10.90 -5.68
CA PHE A 189 -3.56 -9.99 -6.53
C PHE A 189 -4.27 -9.87 -7.84
N GLY A 190 -4.49 -8.64 -8.27
CA GLY A 190 -5.22 -8.40 -9.51
C GLY A 190 -6.72 -8.41 -9.31
N ARG A 191 -7.44 -8.11 -10.39
CA ARG A 191 -8.90 -8.02 -10.34
C ARG A 191 -9.54 -9.16 -11.10
N ASP A 192 -10.56 -9.82 -10.47
CA ASP A 192 -11.27 -10.94 -11.09
C ASP A 192 -10.22 -12.01 -11.47
N GLY A 193 -10.42 -12.76 -12.56
CA GLY A 193 -9.44 -13.78 -12.94
C GLY A 193 -9.20 -14.79 -11.85
N SER A 194 -7.92 -14.98 -11.48
CA SER A 194 -7.52 -15.93 -10.45
C SER A 194 -7.71 -15.41 -9.03
N ALA A 195 -8.05 -14.12 -8.86
CA ALA A 195 -8.20 -13.58 -7.50
C ALA A 195 -9.45 -14.14 -6.84
N GLU A 196 -9.37 -14.42 -5.54
CA GLU A 196 -10.44 -15.04 -4.79
C GLU A 196 -11.30 -14.08 -4.02
N SER A 197 -12.60 -14.18 -4.26
CA SER A 197 -13.61 -13.40 -3.58
C SER A 197 -13.53 -13.67 -2.06
N PRO A 198 -13.70 -12.68 -1.16
CA PRO A 198 -14.14 -11.30 -1.42
C PRO A 198 -13.01 -10.27 -1.59
N TYR A 199 -11.77 -10.72 -1.77
CA TYR A 199 -10.64 -9.82 -1.97
C TYR A 199 -10.14 -10.04 -3.39
N ASP A 200 -11.01 -9.70 -4.35
CA ASP A 200 -10.80 -9.99 -5.77
C ASP A 200 -10.93 -8.75 -6.66
N LYS A 201 -10.79 -7.53 -6.08
CA LYS A 201 -10.84 -6.32 -6.90
C LYS A 201 -9.52 -5.55 -6.83
N GLY A 202 -8.45 -6.20 -6.34
CA GLY A 202 -7.13 -5.60 -6.29
C GLY A 202 -6.93 -4.57 -5.20
N ARG A 203 -7.84 -4.52 -4.20
CA ARG A 203 -7.68 -3.51 -3.16
C ARG A 203 -6.70 -3.91 -2.05
N THR A 204 -6.31 -5.17 -1.94
CA THR A 204 -5.28 -5.53 -0.97
C THR A 204 -4.01 -4.74 -1.32
N ALA A 205 -3.67 -4.67 -2.62
CA ALA A 205 -2.48 -3.89 -2.99
C ALA A 205 -2.71 -2.39 -2.87
N THR A 206 -3.94 -1.89 -3.18
CA THR A 206 -4.18 -0.45 -2.98
C THR A 206 -3.92 -0.08 -1.53
N HIS A 207 -4.44 -0.91 -0.61
CA HIS A 207 -4.28 -0.69 0.83
C HIS A 207 -2.78 -0.76 1.22
N ALA A 208 -2.05 -1.79 0.73
CA ALA A 208 -0.63 -1.95 1.08
C ALA A 208 0.19 -0.81 0.54
N VAL A 209 -0.08 -0.41 -0.72
CA VAL A 209 0.67 0.72 -1.32
C VAL A 209 0.37 2.00 -0.51
N GLY A 210 -0.86 2.14 0.02
CA GLY A 210 -1.16 3.25 0.91
C GLY A 210 -0.19 3.26 2.09
N HIS A 211 0.05 2.09 2.75
CA HIS A 211 1.08 2.06 3.83
C HIS A 211 2.49 2.41 3.34
N TRP A 212 2.87 1.89 2.16
CA TRP A 212 4.20 2.22 1.61
C TRP A 212 4.32 3.74 1.35
N LEU A 213 3.17 4.44 1.19
CA LEU A 213 3.07 5.87 1.02
C LEU A 213 2.63 6.58 2.32
N ASP A 214 2.95 5.95 3.45
CA ASP A 214 2.89 6.54 4.79
C ASP A 214 1.51 6.53 5.46
N LEU A 215 0.50 5.90 4.85
CA LEU A 215 -0.81 5.90 5.50
C LEU A 215 -0.92 4.80 6.53
N ARG A 216 -1.75 5.07 7.54
CA ARG A 216 -2.04 4.13 8.61
C ARG A 216 -3.47 3.66 8.52
N HIS A 217 -3.75 2.55 9.21
CA HIS A 217 -5.13 2.10 9.35
C HIS A 217 -6.00 3.20 9.90
N ILE A 218 -7.18 3.37 9.30
CA ILE A 218 -8.04 4.52 9.57
C ILE A 218 -8.51 4.57 11.05
N TRP A 219 -8.64 3.40 11.68
CA TRP A 219 -9.12 3.36 13.07
C TRP A 219 -8.00 3.55 14.12
N GLY A 220 -6.75 3.70 13.69
CA GLY A 220 -5.68 4.00 14.63
C GLY A 220 -4.98 2.87 15.34
N ASP A 221 -5.26 1.62 14.95
CA ASP A 221 -4.62 0.42 15.48
C ASP A 221 -4.60 0.45 16.99
N ASP A 222 -5.76 0.72 17.62
CA ASP A 222 -5.79 0.92 19.05
C ASP A 222 -6.76 0.01 19.76
N GLY A 223 -7.14 -1.08 19.11
CA GLY A 223 -7.99 -2.07 19.73
C GLY A 223 -9.43 -1.64 19.95
N GLY A 224 -9.86 -0.64 19.20
CA GLY A 224 -11.23 -0.16 19.31
C GLY A 224 -11.45 1.12 20.07
N SER A 225 -10.40 1.66 20.68
CA SER A 225 -10.57 2.90 21.41
C SER A 225 -10.64 4.10 20.46
N CYS A 226 -10.73 5.34 21.00
CA CYS A 226 -10.75 6.57 20.22
C CYS A 226 -9.45 7.33 20.42
N SER A 227 -8.46 6.67 21.01
CA SER A 227 -7.21 7.30 21.39
C SER A 227 -6.16 7.29 20.31
N GLY A 228 -6.17 6.23 19.48
CA GLY A 228 -5.23 6.10 18.38
C GLY A 228 -5.63 7.01 17.25
N THR A 229 -4.70 7.26 16.34
CA THR A 229 -4.99 8.16 15.23
C THR A 229 -4.31 7.68 13.99
N ASP A 230 -4.86 8.06 12.82
CA ASP A 230 -4.18 7.80 11.55
C ASP A 230 -3.47 9.07 11.10
N ASN A 231 -3.47 10.13 11.95
CA ASN A 231 -2.82 11.42 11.66
C ASN A 231 -3.44 12.14 10.46
N ILE A 232 -4.68 11.77 10.08
CA ILE A 232 -5.40 12.44 8.99
C ILE A 232 -6.66 13.10 9.56
N ALA A 233 -6.73 14.45 9.48
CA ALA A 233 -7.87 15.13 10.06
C ALA A 233 -9.21 14.87 9.34
N ASP A 234 -9.19 14.60 8.01
CA ASP A 234 -10.48 14.44 7.32
C ASP A 234 -10.97 12.98 7.30
N THR A 235 -10.26 12.03 7.96
CA THR A 235 -10.80 10.70 8.17
C THR A 235 -11.43 10.74 9.59
N PRO A 236 -12.76 10.51 9.69
CA PRO A 236 -13.41 10.56 11.01
C PRO A 236 -12.73 9.63 12.02
N ASN A 237 -12.61 10.09 13.29
CA ASN A 237 -12.08 9.27 14.37
C ASN A 237 -12.91 8.00 14.44
N GLN A 238 -12.27 6.88 14.51
CA GLN A 238 -12.97 5.61 14.40
C GLN A 238 -12.50 4.66 15.49
N GLY A 239 -13.41 3.86 16.06
CA GLY A 239 -13.07 2.91 17.13
C GLY A 239 -12.16 1.80 16.63
N GLY A 240 -12.78 0.74 16.12
CA GLY A 240 -12.07 -0.40 15.60
C GLY A 240 -12.21 -0.53 14.10
N TYR A 241 -11.64 -1.56 13.54
CA TYR A 241 -11.75 -1.78 12.12
C TYR A 241 -13.13 -2.24 11.76
N ASN A 242 -13.47 -2.04 10.48
CA ASN A 242 -14.70 -2.61 9.94
C ASN A 242 -14.30 -3.73 9.03
N GLU A 243 -15.19 -4.68 8.86
CA GLU A 243 -14.97 -5.83 8.01
C GLU A 243 -16.20 -6.04 7.16
N GLY A 244 -16.05 -6.84 6.11
CA GLY A 244 -17.20 -7.13 5.27
C GLY A 244 -17.67 -5.93 4.48
N CYS A 245 -19.00 -5.80 4.37
CA CYS A 245 -19.63 -4.73 3.62
CA CYS A 245 -19.65 -4.72 3.64
C CYS A 245 -20.69 -4.01 4.51
N PRO A 246 -20.26 -3.06 5.37
CA PRO A 246 -21.21 -2.31 6.18
C PRO A 246 -22.19 -1.48 5.36
N SER A 247 -23.22 -0.99 6.03
CA SER A 247 -24.22 -0.16 5.38
CA SER A 247 -24.24 -0.18 5.39
C SER A 247 -24.10 1.27 5.85
N PHE A 248 -24.18 2.18 4.92
CA PHE A 248 -24.07 3.60 5.25
C PHE A 248 -25.38 4.14 5.82
N PRO A 249 -25.33 4.98 6.87
CA PRO A 249 -24.16 5.35 7.68
C PRO A 249 -23.87 4.35 8.79
N LYS A 250 -22.58 4.19 9.15
CA LYS A 250 -22.20 3.37 10.29
C LYS A 250 -21.56 4.28 11.33
N THR A 251 -22.17 4.42 12.50
CA THR A 251 -21.60 5.26 13.55
C THR A 251 -20.93 4.37 14.59
N ASP A 252 -20.12 4.94 15.48
CA ASP A 252 -19.51 4.19 16.58
C ASP A 252 -19.30 5.12 17.79
N HIS A 253 -18.62 4.67 18.85
CA HIS A 253 -18.46 5.52 20.04
C HIS A 253 -17.47 6.70 19.81
N CYS A 254 -16.65 6.68 18.73
CA CYS A 254 -15.70 7.76 18.44
C CYS A 254 -16.33 8.87 17.62
N THR A 255 -17.13 8.51 16.59
CA THR A 255 -17.93 9.40 15.72
C THR A 255 -19.38 8.86 15.81
N ASN A 256 -20.16 9.39 16.74
CA ASN A 256 -21.50 8.84 16.99
C ASN A 256 -22.62 9.50 16.17
N THR A 257 -22.28 10.41 15.24
CA THR A 257 -23.30 11.08 14.41
C THR A 257 -23.06 10.84 12.93
N SER A 258 -24.16 10.73 12.14
CA SER A 258 -24.11 10.57 10.68
C SER A 258 -23.31 11.75 10.11
N PRO A 259 -22.41 11.57 9.11
CA PRO A 259 -22.20 10.39 8.24
C PRO A 259 -21.41 9.23 8.86
N GLY A 260 -20.97 9.35 10.10
CA GLY A 260 -20.29 8.25 10.78
C GLY A 260 -18.87 8.00 10.33
N VAL A 261 -18.45 6.73 10.35
CA VAL A 261 -17.07 6.37 10.02
C VAL A 261 -16.93 5.98 8.55
N MET A 262 -15.76 6.26 8.01
CA MET A 262 -15.49 6.07 6.58
C MET A 262 -15.01 4.63 6.31
N PHE A 263 -15.95 3.68 6.46
CA PHE A 263 -15.61 2.26 6.32
C PHE A 263 -15.26 1.87 4.89
N MET A 264 -15.56 2.75 3.91
CA MET A 264 -15.25 2.51 2.50
C MET A 264 -13.88 3.12 2.09
N ASN A 265 -13.14 3.62 3.08
CA ASN A 265 -11.76 4.08 2.86
C ASN A 265 -10.89 2.88 2.60
N TYR A 266 -9.92 3.01 1.67
CA TYR A 266 -9.03 1.87 1.41
C TYR A 266 -8.21 1.44 2.61
N MET A 267 -8.03 2.30 3.61
CA MET A 267 -7.23 1.97 4.78
C MET A 267 -8.03 1.35 5.91
N ASP A 268 -9.25 0.88 5.60
CA ASP A 268 -10.02 0.09 6.57
C ASP A 268 -9.78 -1.40 6.22
N TYR A 269 -10.55 -2.33 6.83
CA TYR A 269 -10.41 -3.77 6.62
C TYR A 269 -11.61 -4.36 5.90
N THR A 270 -12.40 -3.52 5.24
CA THR A 270 -13.59 -3.96 4.54
C THR A 270 -13.28 -4.72 3.23
N TYR A 271 -14.29 -5.41 2.67
CA TYR A 271 -14.19 -6.13 1.40
C TYR A 271 -13.78 -5.21 0.28
N ASP A 272 -13.03 -5.72 -0.69
CA ASP A 272 -12.60 -4.90 -1.80
C ASP A 272 -13.71 -4.13 -2.53
N ALA A 273 -14.84 -4.79 -2.80
CA ALA A 273 -15.92 -4.16 -3.55
C ALA A 273 -16.67 -3.09 -2.74
N CYS A 274 -16.41 -2.99 -1.44
CA CYS A 274 -17.11 -1.99 -0.66
CA CYS A 274 -17.04 -2.06 -0.49
C CYS A 274 -16.18 -0.80 -0.32
N MET A 275 -14.93 -0.79 -0.83
CA MET A 275 -14.02 0.33 -0.72
C MET A 275 -14.09 1.19 -1.95
N ASN A 276 -13.85 2.49 -1.80
CA ASN A 276 -13.93 3.33 -3.00
C ASN A 276 -13.31 4.73 -2.85
N LEU A 277 -12.54 5.01 -1.75
CA LEU A 277 -11.87 6.31 -1.73
C LEU A 277 -10.66 6.36 -0.83
N PHE A 278 -9.78 7.31 -1.21
CA PHE A 278 -8.82 7.96 -0.34
C PHE A 278 -9.37 9.33 -0.06
N THR A 279 -8.99 9.95 1.03
CA THR A 279 -9.40 11.34 1.24
C THR A 279 -8.35 12.32 0.70
N LYS A 280 -8.71 13.59 0.61
CA LYS A 280 -7.74 14.62 0.24
C LYS A 280 -6.56 14.67 1.24
N GLY A 281 -6.86 14.51 2.53
CA GLY A 281 -5.80 14.52 3.54
C GLY A 281 -4.84 13.36 3.39
N GLN A 282 -5.36 12.16 3.04
CA GLN A 282 -4.49 11.02 2.80
C GLN A 282 -3.63 11.28 1.56
N VAL A 283 -4.22 11.83 0.48
CA VAL A 283 -3.46 12.20 -0.72
C VAL A 283 -2.29 13.15 -0.37
N GLU A 284 -2.56 14.17 0.42
CA GLU A 284 -1.51 15.12 0.80
C GLU A 284 -0.36 14.40 1.47
N ARG A 285 -0.66 13.46 2.38
CA ARG A 285 0.38 12.75 3.10
C ARG A 285 1.20 11.90 2.13
N MET A 286 0.53 11.19 1.22
CA MET A 286 1.26 10.31 0.27
C MET A 286 2.14 11.13 -0.68
N ARG A 287 1.61 12.24 -1.19
CA ARG A 287 2.40 13.02 -2.15
C ARG A 287 3.59 13.73 -1.51
N SER A 288 3.47 13.99 -0.20
CA SER A 288 4.53 14.71 0.53
CA SER A 288 4.53 14.70 0.53
C SER A 288 5.85 13.94 0.52
N LEU A 289 5.82 12.62 0.33
CA LEU A 289 7.04 11.79 0.30
C LEU A 289 7.87 12.08 -0.94
N PHE A 290 7.31 12.81 -1.91
CA PHE A 290 8.03 13.08 -3.15
C PHE A 290 8.46 14.55 -3.21
N ASP A 291 8.44 15.26 -2.07
CA ASP A 291 8.93 16.64 -1.96
C ASP A 291 10.29 16.68 -2.69
N THR A 292 10.44 17.55 -3.70
CA THR A 292 11.64 17.55 -4.57
C THR A 292 12.97 17.86 -3.86
N GLN A 293 12.93 18.43 -2.66
CA GLN A 293 14.16 18.82 -1.95
C GLN A 293 14.49 17.87 -0.80
N THR A 294 13.47 17.39 -0.05
CA THR A 294 13.69 16.56 1.13
C THR A 294 12.79 15.31 1.21
N GLY A 295 12.00 15.04 0.18
CA GLY A 295 11.11 13.88 0.18
C GLY A 295 11.90 12.58 0.20
N ILE A 296 11.55 11.65 1.09
CA ILE A 296 12.31 10.40 1.20
C ILE A 296 12.26 9.59 -0.12
N ARG A 297 11.16 9.72 -0.93
CA ARG A 297 11.05 8.98 -2.19
C ARG A 297 11.28 9.90 -3.42
N ARG A 298 11.89 11.09 -3.23
CA ARG A 298 12.11 12.02 -4.35
C ARG A 298 12.97 11.44 -5.50
N GLU A 299 13.96 10.59 -5.18
CA GLU A 299 14.86 10.01 -6.20
C GLU A 299 14.10 9.15 -7.20
N MET A 300 13.00 8.52 -6.75
CA MET A 300 12.22 7.69 -7.64
C MET A 300 11.69 8.53 -8.80
N GLN A 301 11.51 9.83 -8.61
CA GLN A 301 11.01 10.66 -9.69
C GLN A 301 12.06 11.06 -10.72
N ILE A 302 13.34 11.03 -10.35
CA ILE A 302 14.42 11.50 -11.23
C ILE A 302 14.53 10.61 -12.48
N TYR A 303 14.47 9.30 -12.29
CA TYR A 303 14.61 8.41 -13.43
C TYR A 303 13.33 7.64 -13.76
N ALA A 304 12.14 8.04 -13.22
CA ALA A 304 10.93 7.26 -13.49
C ALA A 304 10.58 7.13 -14.97
N ASN A 305 10.71 8.22 -15.75
CA ASN A 305 10.39 8.18 -17.17
C ASN A 305 11.32 7.23 -17.91
N GLU A 306 12.63 7.31 -17.65
CA GLU A 306 13.68 6.48 -18.24
CA GLU A 306 13.58 6.47 -18.37
C GLU A 306 13.40 4.99 -18.01
N LEU A 307 12.99 4.66 -16.79
CA LEU A 307 12.80 3.27 -16.43
C LEU A 307 11.47 2.66 -16.88
N THR A 308 10.50 3.48 -17.30
CA THR A 308 9.18 2.96 -17.69
C THR A 308 8.97 3.03 -19.22
N ASN A 309 10.02 3.38 -19.99
CA ASN A 309 9.93 3.37 -21.44
CA ASN A 309 9.93 3.37 -21.45
C ASN A 309 10.97 2.38 -22.00
N PRO A 310 10.67 1.67 -23.14
CA PRO A 310 11.65 0.69 -23.66
C PRO A 310 12.94 1.32 -24.17
CA CA B . -9.58 3.80 17.21
CA CA C . -8.41 10.52 11.27
ZN ZN D . -2.98 -2.48 6.54
C1 GOL E . 22.73 0.84 -11.59
O1 GOL E . 23.65 -0.21 -11.40
C2 GOL E . 21.57 0.72 -10.63
O2 GOL E . 21.59 1.84 -9.73
C3 GOL E . 20.26 0.69 -11.36
O3 GOL E . 19.16 0.89 -10.48
C1 GOL F . 18.80 0.80 -2.56
O1 GOL F . 17.88 1.46 -1.68
C2 GOL F . 19.13 -0.58 -2.05
O2 GOL F . 19.60 -0.48 -0.71
C3 GOL F . 17.94 -1.51 -2.07
O3 GOL F . 17.68 -1.97 -3.39
C1 GOL G . -16.94 0.86 13.48
O1 GOL G . -15.69 1.54 13.28
C2 GOL G . -16.85 -0.26 14.49
O2 GOL G . -15.77 -1.15 14.17
C3 GOL G . -16.68 0.22 15.91
O3 GOL G . -15.57 1.08 16.02
C1 GOL H . 3.53 5.95 9.40
O1 GOL H . 2.23 6.48 9.26
C2 GOL H . 4.53 7.05 9.70
O2 GOL H . 4.29 7.58 11.00
C3 GOL H . 5.95 6.54 9.62
O3 GOL H . 6.31 6.13 8.30
#